data_5TMP
#
_entry.id   5TMP
#
_cell.length_a   152.100
_cell.length_b   152.100
_cell.length_c   75.600
_cell.angle_alpha   90.00
_cell.angle_beta   90.00
_cell.angle_gamma   120.00
#
_symmetry.space_group_name_H-M   'H 3 2'
#
loop_
_entity.id
_entity.type
_entity.pdbx_description
1 polymer 'PROTEIN (THYMIDYLATE KINASE)'
2 non-polymer "P1-(5'-ADENOSYL)P5-(5'-(3'AZIDO-3'-DEOXYTHYMIDYL))PENTAPHOSPHATE"
3 water water
#
_entity_poly.entity_id   1
_entity_poly.type   'polypeptide(L)'
_entity_poly.pdbx_seq_one_letter_code
;MRSKYIVIEGLEGAGKTTARNVVVETLEQLGIRDMVFTREPGGTQLAEKLRSLLLDIKSVGDEVITDKAEVLMFYAARVQ
LVETVIKPALANGTWVIGDRHDLSTQAYQGGGRGIDQHMLATLRDAVLGDFRPDLTLYLDVTPEVGLKRARARGELDRIE
QESFDFFNRTRARYLELAAQDKSIHTIDATQPLEAVMDAIRTTVTHWVKELDA
;
_entity_poly.pdbx_strand_id   A
#
loop_
_chem_comp.id
_chem_comp.type
_chem_comp.name
_chem_comp.formula
Z5A non-polymer P1-(5'-ADENOSYL)P5-(5'-(3'AZIDO-3'-DEOXYTHYMIDYL))PENTAPHOSPHATE 'C20 H24 N10 O22 P5 -5'
#
# COMPACT_ATOMS: atom_id res chain seq x y z
N ARG A 2 8.53 -2.89 -21.42
CA ARG A 2 7.70 -3.86 -20.65
C ARG A 2 7.01 -3.12 -19.50
N SER A 3 5.68 -3.28 -19.40
CA SER A 3 4.88 -2.63 -18.36
C SER A 3 5.32 -3.02 -16.95
N LYS A 4 5.13 -2.11 -16.00
CA LYS A 4 5.54 -2.40 -14.64
C LYS A 4 4.49 -2.00 -13.61
N TYR A 5 4.52 -2.71 -12.50
CA TYR A 5 3.61 -2.47 -11.40
C TYR A 5 4.39 -1.87 -10.23
N ILE A 6 4.11 -0.59 -9.94
CA ILE A 6 4.76 0.13 -8.84
C ILE A 6 3.73 0.40 -7.76
N VAL A 7 4.06 0.08 -6.52
CA VAL A 7 3.14 0.28 -5.42
C VAL A 7 3.73 1.22 -4.39
N ILE A 8 2.89 2.11 -3.86
CA ILE A 8 3.34 3.04 -2.83
C ILE A 8 2.71 2.56 -1.53
N GLU A 9 3.51 2.53 -0.47
CA GLU A 9 3.05 2.04 0.83
C GLU A 9 3.43 3.00 1.94
N GLY A 10 2.88 2.77 3.14
CA GLY A 10 3.22 3.64 4.26
C GLY A 10 2.04 3.83 5.19
N LEU A 11 2.28 4.38 6.38
CA LEU A 11 1.19 4.60 7.32
C LEU A 11 0.26 5.65 6.73
N GLU A 12 -0.90 5.85 7.36
CA GLU A 12 -1.82 6.87 6.86
C GLU A 12 -1.17 8.19 7.27
N GLY A 13 -1.13 9.12 6.33
CA GLY A 13 -0.50 10.41 6.62
C GLY A 13 0.97 10.38 6.25
N ALA A 14 1.37 9.38 5.47
CA ALA A 14 2.76 9.20 5.06
C ALA A 14 3.11 10.11 3.90
N GLY A 15 2.13 10.39 3.05
CA GLY A 15 2.35 11.27 1.92
C GLY A 15 2.31 10.54 0.61
N LYS A 16 1.53 9.46 0.59
CA LYS A 16 1.37 8.62 -0.60
C LYS A 16 1.01 9.33 -1.90
N THR A 17 0.17 10.36 -1.83
CA THR A 17 -0.24 11.07 -3.04
C THR A 17 0.88 11.93 -3.55
N THR A 18 1.49 12.63 -2.62
CA THR A 18 2.59 13.49 -2.96
C THR A 18 3.63 12.62 -3.65
N ALA A 19 3.94 11.51 -3.01
CA ALA A 19 4.91 10.56 -3.53
C ALA A 19 4.50 10.06 -4.92
N ARG A 20 3.19 9.83 -5.10
CA ARG A 20 2.70 9.34 -6.39
C ARG A 20 2.91 10.37 -7.48
N ASN A 21 2.77 11.64 -7.12
CA ASN A 21 2.96 12.75 -8.04
C ASN A 21 4.43 12.74 -8.52
N VAL A 22 5.38 12.59 -7.59
CA VAL A 22 6.80 12.57 -7.93
C VAL A 22 7.07 11.42 -8.89
N VAL A 23 6.46 10.28 -8.60
CA VAL A 23 6.63 9.08 -9.43
C VAL A 23 6.20 9.34 -10.87
N VAL A 24 5.01 9.91 -11.06
CA VAL A 24 4.51 10.18 -12.42
C VAL A 24 5.47 11.14 -13.14
N GLU A 25 5.88 12.18 -12.41
CA GLU A 25 6.77 13.17 -12.96
C GLU A 25 8.06 12.48 -13.41
N THR A 26 8.71 11.81 -12.48
CA THR A 26 9.93 11.12 -12.83
C THR A 26 9.72 10.22 -14.05
N LEU A 27 8.72 9.34 -14.00
CA LEU A 27 8.46 8.44 -15.12
C LEU A 27 8.16 9.14 -16.43
N GLU A 28 7.34 10.17 -16.37
CA GLU A 28 6.98 10.90 -17.58
C GLU A 28 8.25 11.52 -18.17
N GLN A 29 9.16 11.90 -17.28
CA GLN A 29 10.45 12.47 -17.65
C GLN A 29 11.33 11.43 -18.34
N LEU A 30 11.22 10.18 -17.91
CA LEU A 30 12.01 9.09 -18.48
C LEU A 30 11.29 8.50 -19.68
N GLY A 31 10.30 9.21 -20.20
CA GLY A 31 9.59 8.72 -21.36
C GLY A 31 8.43 7.75 -21.17
N ILE A 32 8.15 7.40 -19.92
CA ILE A 32 7.04 6.50 -19.57
C ILE A 32 5.81 7.38 -19.35
N ARG A 33 4.82 7.25 -20.22
N ARG A 33 4.84 7.24 -20.23
CA ARG A 33 3.61 8.07 -20.10
CA ARG A 33 3.62 8.06 -20.17
C ARG A 33 2.32 7.27 -19.90
C ARG A 33 2.33 7.27 -19.91
N ASP A 34 2.19 6.15 -20.60
CA ASP A 34 1.00 5.30 -20.47
C ASP A 34 0.92 4.53 -19.14
N MET A 35 -0.07 4.85 -18.30
CA MET A 35 -0.21 4.18 -17.00
C MET A 35 -1.58 4.40 -16.39
N VAL A 36 -1.97 3.50 -15.48
CA VAL A 36 -3.25 3.56 -14.77
C VAL A 36 -3.00 3.47 -13.28
N PHE A 37 -3.93 4.02 -12.50
CA PHE A 37 -3.80 4.02 -11.07
C PHE A 37 -4.83 3.10 -10.46
N THR A 38 -4.53 2.58 -9.28
CA THR A 38 -5.46 1.73 -8.56
C THR A 38 -5.22 1.98 -7.08
N ARG A 39 -6.25 1.75 -6.26
CA ARG A 39 -6.09 1.94 -4.83
C ARG A 39 -6.72 0.74 -4.11
N GLU A 40 -6.17 0.39 -2.95
CA GLU A 40 -6.65 -0.74 -2.17
C GLU A 40 -6.89 -0.33 -0.73
N PRO A 41 -7.97 -0.84 -0.12
CA PRO A 41 -8.92 -1.76 -0.75
C PRO A 41 -9.83 -0.98 -1.69
N GLY A 42 -10.14 -1.52 -2.85
CA GLY A 42 -11.02 -0.81 -3.77
C GLY A 42 -10.60 -1.07 -5.19
N GLY A 43 -11.01 -0.21 -6.11
CA GLY A 43 -10.59 -0.40 -7.50
C GLY A 43 -11.59 -1.07 -8.39
N THR A 44 -12.55 -1.79 -7.80
CA THR A 44 -13.62 -2.46 -8.57
C THR A 44 -14.88 -2.29 -7.74
N GLN A 45 -16.04 -2.53 -8.37
CA GLN A 45 -17.32 -2.40 -7.71
C GLN A 45 -17.30 -3.22 -6.44
N LEU A 46 -16.93 -4.49 -6.59
CA LEU A 46 -16.87 -5.39 -5.45
C LEU A 46 -15.84 -4.92 -4.43
N ALA A 47 -14.64 -4.63 -4.91
CA ALA A 47 -13.56 -4.16 -4.03
C ALA A 47 -14.01 -2.96 -3.17
N GLU A 48 -14.77 -2.03 -3.77
CA GLU A 48 -15.27 -0.84 -3.05
C GLU A 48 -16.34 -1.18 -2.01
N LYS A 49 -17.10 -2.24 -2.27
CA LYS A 49 -18.12 -2.72 -1.32
C LYS A 49 -17.36 -3.28 -0.13
N LEU A 50 -16.36 -4.12 -0.43
CA LEU A 50 -15.57 -4.69 0.64
C LEU A 50 -14.86 -3.56 1.40
N ARG A 51 -14.37 -2.56 0.67
CA ARG A 51 -13.71 -1.43 1.32
C ARG A 51 -14.65 -0.85 2.40
N SER A 52 -15.87 -0.50 2.00
CA SER A 52 -16.82 0.07 2.94
C SER A 52 -17.07 -0.83 4.14
N LEU A 53 -17.17 -2.14 3.89
CA LEU A 53 -17.40 -3.08 4.98
C LEU A 53 -16.19 -3.06 5.91
N LEU A 54 -15.00 -2.96 5.32
CA LEU A 54 -13.77 -2.95 6.10
C LEU A 54 -13.46 -1.68 6.91
N LEU A 55 -13.75 -0.51 6.35
CA LEU A 55 -13.39 0.76 7.03
C LEU A 55 -14.48 1.60 7.70
N ASP A 56 -15.73 1.46 7.25
CA ASP A 56 -16.84 2.21 7.82
C ASP A 56 -17.04 1.88 9.29
N ILE A 57 -17.13 2.93 10.11
CA ILE A 57 -17.34 2.75 11.54
C ILE A 57 -18.72 2.12 11.68
N LYS A 58 -18.83 1.07 12.47
CA LYS A 58 -20.11 0.37 12.59
C LYS A 58 -20.68 0.05 11.18
N SER A 59 -19.91 -0.67 10.36
CA SER A 59 -20.35 -1.05 9.02
C SER A 59 -21.29 -2.27 9.15
N VAL A 60 -21.26 -2.89 10.33
CA VAL A 60 -22.11 -4.02 10.63
C VAL A 60 -22.55 -3.81 12.09
N GLY A 61 -23.12 -2.62 12.33
CA GLY A 61 -23.61 -2.28 13.65
C GLY A 61 -22.57 -2.50 14.71
N ASP A 62 -22.97 -3.13 15.80
CA ASP A 62 -22.06 -3.38 16.92
C ASP A 62 -21.21 -4.66 16.83
N GLU A 63 -21.35 -5.41 15.74
CA GLU A 63 -20.57 -6.64 15.56
C GLU A 63 -19.10 -6.28 15.29
N VAL A 64 -18.18 -6.98 15.93
CA VAL A 64 -16.75 -6.75 15.72
C VAL A 64 -16.17 -7.68 14.65
N ILE A 65 -15.77 -7.13 13.51
CA ILE A 65 -15.19 -7.92 12.42
C ILE A 65 -13.92 -8.60 13.00
N THR A 66 -13.82 -9.91 12.86
CA THR A 66 -12.68 -10.66 13.37
C THR A 66 -11.42 -10.34 12.56
N ASP A 67 -10.27 -10.50 13.19
CA ASP A 67 -9.04 -10.23 12.50
C ASP A 67 -8.92 -11.01 11.21
N LYS A 68 -9.26 -12.30 11.27
CA LYS A 68 -9.18 -13.17 10.10
C LYS A 68 -10.16 -12.81 8.99
N ALA A 69 -11.35 -12.34 9.39
CA ALA A 69 -12.38 -11.93 8.42
C ALA A 69 -11.79 -10.71 7.72
N GLU A 70 -11.08 -9.91 8.51
CA GLU A 70 -10.43 -8.69 7.99
C GLU A 70 -9.43 -9.01 6.87
N VAL A 71 -8.48 -9.89 7.15
CA VAL A 71 -7.48 -10.24 6.15
C VAL A 71 -8.15 -10.85 4.94
N LEU A 72 -9.11 -11.72 5.18
CA LEU A 72 -9.79 -12.37 4.06
C LEU A 72 -10.51 -11.38 3.15
N MET A 73 -11.14 -10.37 3.76
CA MET A 73 -11.85 -9.35 2.97
C MET A 73 -10.83 -8.50 2.20
N PHE A 74 -9.73 -8.16 2.86
CA PHE A 74 -8.66 -7.41 2.22
C PHE A 74 -8.18 -8.24 1.04
N TYR A 75 -8.08 -9.56 1.23
CA TYR A 75 -7.62 -10.41 0.14
C TYR A 75 -8.64 -10.58 -1.00
N ALA A 76 -9.92 -10.71 -0.65
CA ALA A 76 -10.93 -10.85 -1.70
C ALA A 76 -10.84 -9.59 -2.57
N ALA A 77 -10.73 -8.44 -1.92
CA ALA A 77 -10.61 -7.16 -2.61
C ALA A 77 -9.36 -7.13 -3.52
N ARG A 78 -8.23 -7.56 -2.97
CA ARG A 78 -7.00 -7.56 -3.75
C ARG A 78 -7.08 -8.45 -4.99
N VAL A 79 -7.44 -9.73 -4.83
CA VAL A 79 -7.47 -10.61 -6.00
C VAL A 79 -8.44 -10.11 -7.07
N GLN A 80 -9.56 -9.56 -6.66
CA GLN A 80 -10.51 -9.06 -7.66
C GLN A 80 -9.88 -7.93 -8.49
N LEU A 81 -9.24 -6.98 -7.82
CA LEU A 81 -8.62 -5.87 -8.52
C LEU A 81 -7.47 -6.37 -9.40
N VAL A 82 -6.61 -7.18 -8.81
CA VAL A 82 -5.47 -7.71 -9.55
C VAL A 82 -5.88 -8.47 -10.81
N GLU A 83 -6.77 -9.45 -10.64
CA GLU A 83 -7.18 -10.25 -11.78
C GLU A 83 -7.96 -9.51 -12.82
N THR A 84 -8.89 -8.65 -12.38
CA THR A 84 -9.75 -7.89 -13.31
C THR A 84 -9.19 -6.57 -13.84
N VAL A 85 -8.34 -5.90 -13.06
CA VAL A 85 -7.81 -4.62 -13.50
C VAL A 85 -6.30 -4.58 -13.72
N ILE A 86 -5.53 -4.85 -12.68
CA ILE A 86 -4.09 -4.77 -12.81
C ILE A 86 -3.42 -5.65 -13.86
N LYS A 87 -3.57 -6.96 -13.74
CA LYS A 87 -2.92 -7.86 -14.70
C LYS A 87 -3.27 -7.52 -16.14
N PRO A 88 -4.56 -7.35 -16.43
CA PRO A 88 -4.95 -7.02 -17.80
C PRO A 88 -4.22 -5.76 -18.30
N ALA A 89 -4.12 -4.76 -17.43
CA ALA A 89 -3.46 -3.50 -17.78
C ALA A 89 -2.02 -3.76 -18.14
N LEU A 90 -1.33 -4.45 -17.23
CA LEU A 90 0.07 -4.79 -17.45
C LEU A 90 0.16 -5.60 -18.72
N ALA A 91 -0.80 -6.51 -18.90
CA ALA A 91 -0.83 -7.35 -20.08
C ALA A 91 -1.03 -6.52 -21.32
N ASN A 92 -1.55 -5.31 -21.17
CA ASN A 92 -1.75 -4.47 -22.33
C ASN A 92 -0.53 -3.62 -22.59
N GLY A 93 0.38 -3.55 -21.63
CA GLY A 93 1.57 -2.74 -21.80
C GLY A 93 1.49 -1.49 -20.95
N THR A 94 0.32 -1.26 -20.38
CA THR A 94 0.07 -0.11 -19.52
C THR A 94 0.72 -0.37 -18.17
N TRP A 95 1.37 0.66 -17.63
CA TRP A 95 1.98 0.53 -16.32
C TRP A 95 0.89 0.79 -15.27
N VAL A 96 1.06 0.23 -14.08
CA VAL A 96 0.07 0.42 -13.05
C VAL A 96 0.74 0.93 -11.80
N ILE A 97 0.22 2.02 -11.26
CA ILE A 97 0.72 2.60 -10.02
C ILE A 97 -0.39 2.37 -8.99
N GLY A 98 -0.10 1.57 -7.99
CA GLY A 98 -1.11 1.26 -7.00
C GLY A 98 -0.85 1.94 -5.68
N ASP A 99 -1.92 2.34 -5.01
CA ASP A 99 -1.82 2.96 -3.70
C ASP A 99 -2.15 1.81 -2.76
N ARG A 100 -1.11 1.16 -2.26
CA ARG A 100 -1.21 0.03 -1.34
C ARG A 100 -1.44 -1.27 -2.09
N HIS A 101 -1.00 -2.34 -1.43
CA HIS A 101 -1.11 -3.67 -1.95
C HIS A 101 -0.83 -4.63 -0.79
N ASP A 102 -0.31 -5.82 -1.11
CA ASP A 102 -0.06 -6.83 -0.08
C ASP A 102 0.80 -6.48 1.14
N LEU A 103 1.78 -5.61 0.95
CA LEU A 103 2.62 -5.26 2.09
C LEU A 103 1.74 -4.70 3.19
N SER A 104 0.67 -4.02 2.79
CA SER A 104 -0.26 -3.41 3.73
C SER A 104 -0.90 -4.47 4.63
N THR A 105 -1.28 -5.59 4.02
CA THR A 105 -1.88 -6.68 4.77
C THR A 105 -0.81 -7.20 5.73
N GLN A 106 0.37 -7.47 5.18
CA GLN A 106 1.47 -7.99 5.99
C GLN A 106 1.81 -7.07 7.15
N ALA A 107 1.86 -5.77 6.88
CA ALA A 107 2.19 -4.83 7.94
C ALA A 107 1.03 -4.64 8.92
N TYR A 108 -0.14 -4.26 8.40
CA TYR A 108 -1.30 -4.00 9.26
C TYR A 108 -1.93 -5.22 9.96
N GLN A 109 -2.22 -6.26 9.18
CA GLN A 109 -2.81 -7.46 9.77
C GLN A 109 -1.73 -8.28 10.44
N GLY A 110 -0.53 -8.27 9.86
CA GLY A 110 0.54 -9.02 10.45
C GLY A 110 1.07 -8.28 11.66
N GLY A 111 1.59 -7.08 11.45
CA GLY A 111 2.14 -6.33 12.54
C GLY A 111 1.13 -5.72 13.48
N GLY A 112 0.17 -4.97 12.94
CA GLY A 112 -0.81 -4.35 13.80
C GLY A 112 -1.66 -5.37 14.53
N ARG A 113 -2.34 -6.20 13.74
CA ARG A 113 -3.24 -7.24 14.20
C ARG A 113 -2.56 -8.37 14.97
N GLY A 114 -1.49 -8.92 14.40
CA GLY A 114 -0.80 -10.00 15.06
C GLY A 114 -1.04 -11.32 14.34
N ILE A 115 -1.75 -11.25 13.24
CA ILE A 115 -2.01 -12.47 12.47
C ILE A 115 -0.66 -13.08 12.15
N ASP A 116 -0.54 -14.40 12.38
CA ASP A 116 0.71 -15.11 12.13
C ASP A 116 1.33 -14.88 10.76
N GLN A 117 2.56 -14.37 10.80
CA GLN A 117 3.34 -14.03 9.62
C GLN A 117 3.47 -15.06 8.53
N HIS A 118 3.55 -16.32 8.90
CA HIS A 118 3.70 -17.36 7.89
C HIS A 118 2.36 -17.70 7.27
N MET A 119 1.29 -17.53 8.03
CA MET A 119 -0.03 -17.80 7.50
C MET A 119 -0.32 -16.73 6.43
N LEU A 120 0.00 -15.49 6.76
CA LEU A 120 -0.23 -14.40 5.84
C LEU A 120 0.47 -14.72 4.51
N ALA A 121 1.65 -15.33 4.62
CA ALA A 121 2.45 -15.72 3.46
C ALA A 121 1.71 -16.78 2.68
N THR A 122 1.14 -17.70 3.43
CA THR A 122 0.38 -18.79 2.85
C THR A 122 -0.70 -18.21 1.96
N LEU A 123 -1.61 -17.45 2.58
CA LEU A 123 -2.70 -16.81 1.85
C LEU A 123 -2.18 -16.10 0.61
N ARG A 124 -1.20 -15.23 0.82
CA ARG A 124 -0.65 -14.47 -0.29
C ARG A 124 -0.35 -15.36 -1.47
N ASP A 125 0.35 -16.45 -1.24
CA ASP A 125 0.70 -17.32 -2.35
C ASP A 125 -0.52 -18.08 -2.80
N ALA A 126 -1.32 -18.50 -1.85
CA ALA A 126 -2.53 -19.23 -2.17
C ALA A 126 -3.35 -18.38 -3.12
N VAL A 127 -3.53 -17.12 -2.76
CA VAL A 127 -4.35 -16.20 -3.54
C VAL A 127 -3.70 -15.53 -4.74
N LEU A 128 -2.52 -14.94 -4.53
CA LEU A 128 -1.82 -14.19 -5.59
C LEU A 128 -0.73 -14.99 -6.24
N GLY A 129 -0.30 -16.04 -5.55
CA GLY A 129 0.76 -16.86 -6.07
C GLY A 129 2.03 -16.06 -6.21
N ASP A 130 2.52 -16.04 -7.44
CA ASP A 130 3.75 -15.37 -7.84
C ASP A 130 3.67 -13.87 -8.02
N PHE A 131 2.50 -13.39 -8.44
CA PHE A 131 2.32 -11.97 -8.71
C PHE A 131 2.84 -11.06 -7.64
N ARG A 132 3.75 -10.17 -8.02
CA ARG A 132 4.28 -9.20 -7.08
C ARG A 132 4.54 -7.87 -7.79
N PRO A 133 4.57 -6.76 -7.03
CA PRO A 133 4.83 -5.44 -7.62
C PRO A 133 6.30 -5.35 -8.05
N ASP A 134 6.58 -4.80 -9.22
CA ASP A 134 7.96 -4.68 -9.69
C ASP A 134 8.81 -3.78 -8.78
N LEU A 135 8.23 -2.68 -8.32
CA LEU A 135 8.94 -1.80 -7.40
C LEU A 135 7.95 -1.41 -6.31
N THR A 136 8.42 -1.28 -5.08
CA THR A 136 7.55 -0.85 -4.01
C THR A 136 8.26 0.27 -3.26
N LEU A 137 7.54 1.35 -3.00
CA LEU A 137 8.08 2.48 -2.28
C LEU A 137 7.34 2.61 -0.96
N TYR A 138 8.02 2.25 0.12
CA TYR A 138 7.39 2.35 1.42
C TYR A 138 7.80 3.68 2.08
N LEU A 139 6.84 4.57 2.28
CA LEU A 139 7.17 5.84 2.91
C LEU A 139 7.08 5.73 4.41
N ASP A 140 8.25 5.73 5.06
CA ASP A 140 8.31 5.60 6.51
C ASP A 140 8.15 6.91 7.25
N VAL A 141 7.11 6.96 8.09
CA VAL A 141 6.85 8.15 8.88
C VAL A 141 6.56 7.62 10.27
N THR A 142 6.71 8.46 11.29
CA THR A 142 6.43 8.00 12.65
C THR A 142 4.93 7.97 12.87
N PRO A 143 4.46 7.08 13.74
CA PRO A 143 3.03 6.95 14.05
C PRO A 143 2.36 8.27 14.40
N GLU A 144 2.97 9.02 15.30
CA GLU A 144 2.43 10.30 15.73
C GLU A 144 2.20 11.28 14.57
N VAL A 145 3.18 11.40 13.68
CA VAL A 145 3.08 12.28 12.52
C VAL A 145 2.02 11.80 11.54
N GLY A 146 1.78 10.50 11.50
CA GLY A 146 0.80 9.96 10.59
C GLY A 146 -0.63 10.15 11.10
N LEU A 147 -0.80 9.93 12.39
CA LEU A 147 -2.10 10.08 13.02
C LEU A 147 -2.49 11.57 13.05
N LYS A 148 -1.55 12.42 13.42
CA LYS A 148 -1.83 13.85 13.45
C LYS A 148 -2.32 14.30 12.08
N ARG A 149 -1.64 13.89 11.02
CA ARG A 149 -2.07 14.28 9.70
C ARG A 149 -3.43 13.68 9.38
N ALA A 150 -3.63 12.39 9.68
CA ALA A 150 -4.93 11.74 9.42
C ALA A 150 -6.06 12.43 10.19
N ARG A 151 -5.79 12.77 11.45
CA ARG A 151 -6.78 13.45 12.30
C ARG A 151 -7.20 14.79 11.73
N ALA A 152 -6.25 15.49 11.13
CA ALA A 152 -6.51 16.79 10.54
C ALA A 152 -7.34 16.66 9.27
N ARG A 153 -7.12 15.57 8.54
CA ARG A 153 -7.85 15.35 7.30
C ARG A 153 -9.36 15.29 7.50
N GLY A 154 -9.77 14.61 8.56
CA GLY A 154 -11.19 14.47 8.84
C GLY A 154 -11.47 13.28 9.75
N GLU A 155 -12.56 12.57 9.50
CA GLU A 155 -12.96 11.43 10.33
C GLU A 155 -12.11 10.20 10.09
N LEU A 156 -11.77 9.51 11.18
CA LEU A 156 -10.93 8.31 11.09
C LEU A 156 -11.74 7.05 10.82
N ASP A 157 -11.30 6.25 9.83
CA ASP A 157 -11.97 4.99 9.53
C ASP A 157 -11.80 4.02 10.71
N ARG A 158 -12.38 2.84 10.59
CA ARG A 158 -12.29 1.85 11.66
C ARG A 158 -10.85 1.50 12.07
N ILE A 159 -9.97 1.30 11.08
CA ILE A 159 -8.58 0.93 11.38
C ILE A 159 -7.69 2.09 11.81
N GLU A 160 -7.92 3.29 11.28
CA GLU A 160 -7.09 4.43 11.65
C GLU A 160 -7.37 4.89 13.07
N GLN A 161 -8.40 4.32 13.69
CA GLN A 161 -8.76 4.66 15.07
C GLN A 161 -7.99 3.74 16.02
N GLU A 162 -7.04 2.99 15.49
CA GLU A 162 -6.27 2.06 16.31
C GLU A 162 -5.34 2.75 17.31
N SER A 163 -4.72 1.98 18.21
CA SER A 163 -3.83 2.56 19.21
C SER A 163 -2.47 2.95 18.63
N PHE A 164 -1.68 3.69 19.41
N PHE A 164 -1.68 3.68 19.41
CA PHE A 164 -0.36 4.10 18.95
CA PHE A 164 -0.37 4.09 18.95
C PHE A 164 0.52 2.86 18.78
C PHE A 164 0.55 2.88 18.82
N ASP A 165 0.34 1.89 19.68
CA ASP A 165 1.11 0.67 19.64
C ASP A 165 0.75 -0.16 18.41
N PHE A 166 -0.50 -0.11 17.99
CA PHE A 166 -0.93 -0.86 16.82
C PHE A 166 -0.16 -0.32 15.60
N PHE A 167 -0.05 1.00 15.53
CA PHE A 167 0.66 1.67 14.45
C PHE A 167 2.19 1.46 14.59
N ASN A 168 2.64 1.34 15.84
CA ASN A 168 4.04 1.10 16.15
C ASN A 168 4.44 -0.20 15.53
N ARG A 169 3.70 -1.25 15.91
CA ARG A 169 3.96 -2.58 15.41
C ARG A 169 3.80 -2.64 13.92
N THR A 170 2.85 -1.90 13.39
CA THR A 170 2.62 -1.91 11.95
C THR A 170 3.83 -1.36 11.19
N ARG A 171 4.35 -0.23 11.69
CA ARG A 171 5.49 0.42 11.07
C ARG A 171 6.73 -0.47 11.09
N ALA A 172 7.00 -1.06 12.25
CA ALA A 172 8.14 -1.98 12.43
C ALA A 172 8.09 -3.14 11.44
N ARG A 173 6.91 -3.74 11.28
CA ARG A 173 6.75 -4.86 10.35
C ARG A 173 7.02 -4.39 8.92
N TYR A 174 6.52 -3.21 8.58
CA TYR A 174 6.73 -2.63 7.26
C TYR A 174 8.24 -2.64 7.02
N LEU A 175 8.97 -2.09 8.00
CA LEU A 175 10.41 -2.01 7.93
C LEU A 175 11.06 -3.39 7.91
N GLU A 176 10.63 -4.29 8.80
CA GLU A 176 11.20 -5.63 8.83
C GLU A 176 11.15 -6.25 7.43
N LEU A 177 9.98 -6.18 6.80
CA LEU A 177 9.79 -6.78 5.49
C LEU A 177 10.51 -6.06 4.35
N ALA A 178 10.58 -4.74 4.42
CA ALA A 178 11.27 -3.99 3.37
C ALA A 178 12.75 -4.39 3.44
N ALA A 179 13.21 -4.67 4.66
CA ALA A 179 14.60 -5.04 4.92
C ALA A 179 14.96 -6.35 4.26
N GLN A 180 13.97 -7.18 3.96
CA GLN A 180 14.22 -8.48 3.35
C GLN A 180 13.95 -8.51 1.86
N ASP A 181 13.53 -7.40 1.28
CA ASP A 181 13.22 -7.42 -0.13
C ASP A 181 13.76 -6.23 -0.89
N LYS A 182 14.73 -6.51 -1.76
CA LYS A 182 15.39 -5.51 -2.58
C LYS A 182 14.46 -4.63 -3.40
N SER A 183 13.34 -5.18 -3.85
CA SER A 183 12.39 -4.43 -4.66
C SER A 183 11.51 -3.51 -3.84
N ILE A 184 11.66 -3.54 -2.52
CA ILE A 184 10.90 -2.69 -1.62
C ILE A 184 11.84 -1.65 -1.02
N HIS A 185 11.80 -0.42 -1.53
CA HIS A 185 12.66 0.64 -1.02
C HIS A 185 11.98 1.48 0.02
N THR A 186 12.71 1.72 1.11
CA THR A 186 12.22 2.50 2.22
C THR A 186 12.68 3.94 2.17
N ILE A 187 11.74 4.85 1.93
CA ILE A 187 12.03 6.27 1.84
C ILE A 187 11.76 6.91 3.21
N ASP A 188 12.69 7.75 3.68
CA ASP A 188 12.52 8.40 4.97
C ASP A 188 11.55 9.57 4.84
N ALA A 189 10.27 9.33 5.12
CA ALA A 189 9.24 10.35 5.02
C ALA A 189 9.10 11.23 6.27
N THR A 190 10.11 11.21 7.15
CA THR A 190 10.10 12.04 8.35
C THR A 190 10.96 13.28 8.07
N GLN A 191 11.36 13.43 6.82
CA GLN A 191 12.19 14.55 6.40
C GLN A 191 11.34 15.57 5.64
N PRO A 192 11.85 16.79 5.46
CA PRO A 192 11.06 17.80 4.72
C PRO A 192 10.64 17.32 3.34
N LEU A 193 9.52 17.85 2.87
CA LEU A 193 8.95 17.48 1.61
C LEU A 193 9.92 17.40 0.46
N GLU A 194 10.72 18.44 0.30
CA GLU A 194 11.67 18.48 -0.79
C GLU A 194 12.70 17.34 -0.73
N ALA A 195 13.13 17.01 0.49
CA ALA A 195 14.08 15.93 0.70
C ALA A 195 13.39 14.62 0.33
N VAL A 196 12.19 14.42 0.89
CA VAL A 196 11.42 13.22 0.60
C VAL A 196 11.23 13.12 -0.90
N MET A 197 10.73 14.20 -1.47
CA MET A 197 10.48 14.29 -2.90
C MET A 197 11.72 13.87 -3.66
N ASP A 198 12.88 14.36 -3.24
CA ASP A 198 14.13 14.03 -3.92
C ASP A 198 14.46 12.55 -3.84
N ALA A 199 14.38 11.99 -2.63
CA ALA A 199 14.65 10.57 -2.40
C ALA A 199 13.85 9.75 -3.38
N ILE A 200 12.54 10.02 -3.44
CA ILE A 200 11.67 9.26 -4.33
C ILE A 200 12.09 9.30 -5.80
N ARG A 201 12.42 10.51 -6.27
CA ARG A 201 12.82 10.76 -7.67
C ARG A 201 14.07 9.97 -8.08
N THR A 202 15.10 9.99 -7.25
CA THR A 202 16.30 9.27 -7.62
C THR A 202 16.12 7.75 -7.53
N THR A 203 15.49 7.27 -6.45
CA THR A 203 15.25 5.85 -6.27
C THR A 203 14.57 5.31 -7.53
N VAL A 204 13.56 6.04 -7.99
CA VAL A 204 12.80 5.64 -9.15
C VAL A 204 13.64 5.75 -10.42
N THR A 205 14.31 6.89 -10.56
CA THR A 205 15.15 7.14 -11.73
C THR A 205 16.20 6.05 -11.94
N HIS A 206 16.80 5.61 -10.83
CA HIS A 206 17.80 4.57 -10.87
C HIS A 206 17.14 3.26 -11.28
N TRP A 207 16.15 2.85 -10.50
CA TRP A 207 15.43 1.61 -10.77
C TRP A 207 15.04 1.48 -12.23
N VAL A 208 14.53 2.57 -12.80
CA VAL A 208 14.11 2.57 -14.20
C VAL A 208 15.33 2.45 -15.08
N LYS A 209 16.40 3.17 -14.72
CA LYS A 209 17.64 3.13 -15.47
C LYS A 209 18.19 1.71 -15.45
N GLU A 210 18.02 1.06 -14.31
CA GLU A 210 18.46 -0.32 -14.09
C GLU A 210 17.61 -1.33 -14.88
N LEU A 211 16.67 -0.85 -15.68
CA LEU A 211 15.80 -1.75 -16.45
C LEU A 211 16.34 -1.96 -17.87
N1T Z5A B . -5.27 -1.46 5.16
C2T Z5A B . -5.05 -2.64 5.86
O2T Z5A B . -5.28 -2.74 7.07
N3T Z5A B . -4.62 -3.73 5.07
C4T Z5A B . -4.67 -3.75 3.66
O4T Z5A B . -4.46 -4.78 3.03
C5T Z5A B . -4.93 -2.51 3.02
C6T Z5A B . -5.18 -1.40 3.77
C7T Z5A B . -4.86 -2.43 1.47
C5' Z5A B . -7.22 2.79 4.79
O5' Z5A B . -6.30 2.77 3.74
C4' Z5A B . -6.76 1.67 5.70
O4' Z5A B . -6.62 0.40 4.99
C3' Z5A B . -5.55 1.86 6.57
C2' Z5A B . -4.81 0.60 6.32
C1' Z5A B . -5.84 -0.36 5.92
NA3 Z5A B . -5.97 1.80 7.97
N3B Z5A B . -5.14 2.14 8.83
N3C Z5A B . -4.51 2.42 9.71
PA Z5A B . -6.36 3.70 2.48
O1P Z5A B . -7.69 3.63 1.81
O2P Z5A B . -5.14 3.76 1.63
OPA Z5A B . -6.32 4.91 3.33
PB Z5A B . -6.57 6.39 3.15
O3P Z5A B . -5.51 7.10 3.93
O3P Z5A B . -7.55 6.62 2.04
O4P Z5A B . -8.02 6.70 3.32
O4P Z5A B . -6.87 6.85 4.54
OPB Z5A B . -6.26 6.71 1.63
OPB Z5A B . -5.14 6.99 2.70
PC Z5A B . -6.09 7.96 0.77
PC Z5A B . -4.29 8.29 2.95
O5P Z5A B . -6.36 7.63 -0.64
O5P Z5A B . -4.93 9.40 2.22
O6P Z5A B . -6.83 9.06 1.48
O6P Z5A B . -4.07 8.35 4.41
OPC Z5A B . -4.58 8.28 0.95
OPC Z5A B . -2.83 8.18 2.45
PD Z5A B . -3.60 9.46 0.64
PD Z5A B . -1.47 8.91 2.72
O7P Z5A B . -4.41 10.68 0.58
O7P Z5A B . -1.61 9.43 4.08
O8P Z5A B . -2.92 8.96 -0.56
O8P Z5A B . -0.30 8.06 2.41
OPD Z5A B . -2.57 9.68 1.84
OPD Z5A B . -1.66 10.09 1.65
PE Z5A B . -1.50 10.83 2.33
PE Z5A B . -2.17 11.64 1.59
O9P Z5A B . -0.72 10.24 3.45
O9P Z5A B . -1.17 12.39 0.78
OAP Z5A B . -0.77 11.39 1.16
OAP Z5A B . -3.59 11.66 1.18
O5B Z5A B . -2.37 12.03 2.93
O5B Z5A B . -2.05 12.09 3.15
C5B Z5A B . -3.05 11.92 4.17
C4B Z5A B . -3.26 13.21 4.90
O4B Z5A B . -2.05 13.68 5.53
C3B Z5A B . -3.81 14.37 3.96
O3' Z5A B . -4.67 15.21 4.75
C2B Z5A B . -2.51 15.11 3.61
O2' Z5A B . -2.65 16.49 3.19
C1B Z5A B . -1.67 14.92 4.89
N9A Z5A B . -0.23 14.95 4.58
C8A Z5A B . 0.55 14.20 3.73
N7A Z5A B . 1.77 14.66 3.59
C5A Z5A B . 1.82 15.66 4.58
C6A Z5A B . 2.86 16.53 5.02
N6A Z5A B . 4.11 16.46 4.54
N1A Z5A B . 2.54 17.49 5.94
C2A Z5A B . 1.27 17.59 6.36
N3A Z5A B . 0.21 16.91 5.91
C4A Z5A B . 0.57 15.97 5.02
#